data_8ARQ
#
_entry.id   8ARQ
#
_cell.length_a   82.355
_cell.length_b   112.308
_cell.length_c   62.458
_cell.angle_alpha   90.00
_cell.angle_beta   90.00
_cell.angle_gamma   90.00
#
_symmetry.space_group_name_H-M   'C 2 2 21'
#
loop_
_entity.id
_entity.type
_entity.pdbx_description
1 polymer '14-3-3 protein sigma'
2 polymer 'Estrogen receptor'
3 non-polymer 'MAGNESIUM ION'
4 non-polymer 2-chloranyl-1-[2-[4-[(4-chlorophenyl)amino]oxan-4-yl]carbonyl-2,7-diazaspiro[3.5]nonan-7-yl]ethanone
5 water water
#
loop_
_entity_poly.entity_id
_entity_poly.type
_entity_poly.pdbx_seq_one_letter_code
_entity_poly.pdbx_strand_id
1 'polypeptide(L)'
;GAMGSMERASLIQKAKLAEQAERYEDMAAFMKGAVEKGEELSCEERNLLSVAYKNVVGGQRAAWRVLSSIEQKSNEEGSE
EKGPEVREYREKVETELQGVCDTVLGLLDSHLIKEAGDAESRVFYLKMKGDYYRYLAEVATGDDKKRIIDSARSAYQEAM
DISKKEMPPTNPIRLGLALNFSVFHYEIANSPEEAISLAKTTFDEAMADLHTLSEDSYKDSTLIMQLLRDNLTLWT
;
A
2 'polypeptide(L)' FPA(TPO)V B
#
loop_
_chem_comp.id
_chem_comp.type
_chem_comp.name
_chem_comp.formula
MG non-polymer 'MAGNESIUM ION' 'Mg 2'
NKL non-polymer 2-chloranyl-1-[2-[4-[(4-chlorophenyl)amino]oxan-4-yl]carbonyl-2,7-diazaspiro[3.5]nonan-7-yl]ethanone 'C21 H27 Cl2 N3 O3'
#
# COMPACT_ATOMS: atom_id res chain seq x y z
N GLY A 1 -25.18 0.17 -1.28
CA GLY A 1 -24.26 0.84 -0.35
C GLY A 1 -24.80 2.18 0.11
N ALA A 2 -24.34 2.63 1.27
CA ALA A 2 -24.85 3.85 1.89
C ALA A 2 -24.56 5.10 1.06
N MET A 3 -23.54 5.06 0.20
CA MET A 3 -23.23 6.17 -0.70
C MET A 3 -23.90 6.15 -2.06
N GLY A 4 -24.78 5.16 -2.29
CA GLY A 4 -25.44 4.99 -3.56
C GLY A 4 -26.31 6.14 -4.00
N SER A 5 -26.86 6.90 -3.04
CA SER A 5 -27.67 8.05 -3.35
C SER A 5 -26.95 9.36 -3.54
N MET A 6 -25.64 9.38 -3.32
CA MET A 6 -24.85 10.62 -3.42
C MET A 6 -24.18 10.72 -4.75
N GLU A 7 -24.22 11.92 -5.35
CA GLU A 7 -23.59 12.19 -6.61
C GLU A 7 -22.09 11.86 -6.54
N ARG A 8 -21.56 11.32 -7.62
CA ARG A 8 -20.11 11.08 -7.76
C ARG A 8 -19.31 12.35 -7.40
N ALA A 9 -19.65 13.49 -7.96
CA ALA A 9 -18.84 14.70 -7.73
C ALA A 9 -18.90 15.10 -6.27
N SER A 10 -20.05 14.93 -5.62
CA SER A 10 -20.22 15.24 -4.21
C SER A 10 -19.39 14.32 -3.32
N LEU A 11 -19.28 13.05 -3.70
CA LEU A 11 -18.45 12.12 -2.98
C LEU A 11 -16.98 12.54 -3.03
N ILE A 12 -16.53 12.91 -4.23
CA ILE A 12 -15.15 13.37 -4.42
C ILE A 12 -14.90 14.68 -3.62
N GLN A 13 -15.84 15.62 -3.65
CA GLN A 13 -15.76 16.85 -2.88
C GLN A 13 -15.63 16.55 -1.40
N LYS A 14 -16.46 15.63 -0.90
CA LYS A 14 -16.45 15.28 0.51
C LYS A 14 -15.21 14.50 0.90
N ALA A 15 -14.68 13.68 0.00
CA ALA A 15 -13.41 13.01 0.28
C ALA A 15 -12.29 14.03 0.53
N LYS A 16 -12.29 15.11 -0.26
CA LYS A 16 -11.28 16.16 -0.09
C LYS A 16 -11.47 16.90 1.24
N LEU A 17 -12.71 17.18 1.61
CA LEU A 17 -13.02 17.77 2.91
C LEU A 17 -12.58 16.86 4.07
N ALA A 18 -12.87 15.56 3.95
CA ALA A 18 -12.49 14.61 4.95
C ALA A 18 -10.97 14.57 5.12
N GLU A 19 -10.24 14.59 4.01
CA GLU A 19 -8.77 14.67 4.07
C GLU A 19 -8.33 15.91 4.87
N GLN A 20 -8.93 17.07 4.59
CA GLN A 20 -8.53 18.30 5.30
C GLN A 20 -8.81 18.18 6.81
N ALA A 21 -9.90 17.50 7.16
CA ALA A 21 -10.29 17.25 8.55
C ALA A 21 -9.62 16.05 9.22
N GLU A 22 -8.72 15.38 8.49
CA GLU A 22 -8.05 14.15 8.93
C GLU A 22 -9.03 13.07 9.39
N ARG A 23 -10.12 12.98 8.65
CA ARG A 23 -11.21 11.99 8.85
C ARG A 23 -11.04 10.90 7.79
N TYR A 24 -10.05 10.03 7.95
CA TYR A 24 -9.64 9.11 6.86
C TYR A 24 -10.65 7.97 6.69
N GLU A 25 -11.34 7.53 7.75
CA GLU A 25 -12.41 6.52 7.59
C GLU A 25 -13.51 7.11 6.69
N ASP A 26 -13.92 8.35 6.96
CA ASP A 26 -14.92 8.98 6.11
C ASP A 26 -14.41 9.11 4.68
N MET A 27 -13.15 9.55 4.55
CA MET A 27 -12.55 9.77 3.25
C MET A 27 -12.62 8.45 2.45
N ALA A 28 -12.25 7.35 3.09
CA ALA A 28 -12.30 6.03 2.43
C ALA A 28 -13.70 5.62 2.01
N ALA A 29 -14.67 5.86 2.89
CA ALA A 29 -16.06 5.52 2.56
C ALA A 29 -16.56 6.34 1.39
N PHE A 30 -16.21 7.62 1.33
CA PHE A 30 -16.59 8.46 0.22
C PHE A 30 -15.96 7.96 -1.07
N MET A 31 -14.65 7.63 -1.03
CA MET A 31 -13.98 7.16 -2.24
C MET A 31 -14.50 5.79 -2.72
N LYS A 32 -14.83 4.91 -1.77
CA LYS A 32 -15.47 3.63 -2.10
C LYS A 32 -16.79 3.88 -2.85
N GLY A 33 -17.59 4.82 -2.32
CA GLY A 33 -18.80 5.22 -3.02
C GLY A 33 -18.54 5.71 -4.43
N ALA A 34 -17.49 6.55 -4.58
CA ALA A 34 -17.13 7.06 -5.89
C ALA A 34 -16.70 5.95 -6.86
N VAL A 35 -15.88 5.01 -6.41
CA VAL A 35 -15.48 3.90 -7.25
C VAL A 35 -16.71 3.10 -7.70
N GLU A 36 -17.64 2.87 -6.77
CA GLU A 36 -18.81 2.06 -7.06
C GLU A 36 -19.78 2.71 -8.02
N LYS A 37 -19.60 3.98 -8.39
CA LYS A 37 -20.34 4.57 -9.50
C LYS A 37 -20.03 3.92 -10.83
N GLY A 38 -18.88 3.23 -10.93
CA GLY A 38 -18.54 2.46 -12.09
C GLY A 38 -17.72 3.11 -13.16
N GLU A 39 -17.52 4.43 -13.06
CA GLU A 39 -16.65 5.16 -13.97
C GLU A 39 -15.19 5.00 -13.56
N GLU A 40 -14.30 5.07 -14.55
CA GLU A 40 -12.87 5.12 -14.27
C GLU A 40 -12.52 6.35 -13.41
N LEU A 41 -11.40 6.28 -12.71
CA LEU A 41 -10.92 7.36 -11.85
C LEU A 41 -9.80 8.13 -12.56
N SER A 42 -9.84 9.45 -12.41
CA SER A 42 -8.73 10.30 -12.83
C SER A 42 -7.52 10.08 -11.94
N CYS A 43 -6.38 10.66 -12.33
CA CYS A 43 -5.20 10.54 -11.52
C CYS A 43 -5.41 11.07 -10.09
N GLU A 44 -5.99 12.26 -9.99
CA GLU A 44 -6.24 12.86 -8.70
C GLU A 44 -7.17 11.95 -7.88
N GLU A 45 -8.21 11.40 -8.51
CA GLU A 45 -9.14 10.54 -7.78
C GLU A 45 -8.48 9.24 -7.30
N ARG A 46 -7.60 8.67 -8.14
CA ARG A 46 -6.85 7.45 -7.76
C ARG A 46 -6.01 7.76 -6.52
N ASN A 47 -5.39 8.94 -6.48
CA ASN A 47 -4.60 9.30 -5.34
C ASN A 47 -5.43 9.51 -4.08
N LEU A 48 -6.63 10.09 -4.22
CA LEU A 48 -7.52 10.22 -3.08
C LEU A 48 -7.89 8.85 -2.50
N LEU A 49 -8.20 7.91 -3.38
CA LEU A 49 -8.54 6.56 -2.96
C LEU A 49 -7.38 5.94 -2.16
N SER A 50 -6.17 6.03 -2.72
CA SER A 50 -5.00 5.46 -2.09
C SER A 50 -4.66 6.11 -0.76
N VAL A 51 -4.74 7.45 -0.70
CA VAL A 51 -4.45 8.17 0.54
C VAL A 51 -5.39 7.74 1.65
N ALA A 52 -6.68 7.65 1.32
CA ALA A 52 -7.69 7.32 2.32
C ALA A 52 -7.41 5.95 2.95
N TYR A 53 -7.30 4.91 2.11
CA TYR A 53 -7.11 3.54 2.63
C TYR A 53 -5.72 3.36 3.24
N LYS A 54 -4.70 4.06 2.73
CA LYS A 54 -3.36 3.95 3.29
C LYS A 54 -3.36 4.41 4.73
N ASN A 55 -4.07 5.50 5.00
CA ASN A 55 -4.16 6.06 6.32
C ASN A 55 -4.98 5.16 7.25
N VAL A 56 -6.13 4.64 6.78
CA VAL A 56 -6.94 3.76 7.60
C VAL A 56 -6.16 2.50 7.97
N VAL A 57 -5.61 1.82 6.97
CA VAL A 57 -4.92 0.56 7.24
C VAL A 57 -3.62 0.82 8.00
N GLY A 58 -2.98 1.98 7.76
CA GLY A 58 -1.78 2.31 8.48
C GLY A 58 -2.00 2.38 9.97
N GLY A 59 -3.12 2.99 10.38
CA GLY A 59 -3.47 3.04 11.79
C GLY A 59 -3.74 1.65 12.36
N GLN A 60 -4.44 0.82 11.58
CA GLN A 60 -4.74 -0.53 12.02
C GLN A 60 -3.47 -1.37 12.19
N ARG A 61 -2.54 -1.22 11.24
CA ARG A 61 -1.25 -1.95 11.32
C ARG A 61 -0.48 -1.48 12.57
N ALA A 62 -0.45 -0.18 12.84
CA ALA A 62 0.26 0.29 14.01
C ALA A 62 -0.35 -0.31 15.28
N ALA A 63 -1.68 -0.36 15.34
CA ALA A 63 -2.36 -0.91 16.53
C ALA A 63 -2.10 -2.40 16.64
N TRP A 64 -2.15 -3.09 15.51
CA TRP A 64 -1.91 -4.53 15.49
C TRP A 64 -0.52 -4.85 16.02
N ARG A 65 0.47 -4.07 15.62
CA ARG A 65 1.87 -4.30 16.07
C ARG A 65 1.98 -4.08 17.58
N VAL A 66 1.34 -3.04 18.12
CA VAL A 66 1.35 -2.82 19.56
C VAL A 66 0.79 -4.07 20.27
N LEU A 67 -0.38 -4.54 19.82
CA LEU A 67 -1.05 -5.64 20.48
C LEU A 67 -0.29 -6.96 20.32
N SER A 68 0.26 -7.19 19.12
CA SER A 68 1.06 -8.38 18.87
C SER A 68 2.27 -8.43 19.77
N SER A 69 2.91 -7.28 20.01
CA SER A 69 4.09 -7.23 20.88
C SER A 69 3.71 -7.61 22.32
N ILE A 70 2.56 -7.09 22.78
CA ILE A 70 2.07 -7.41 24.12
C ILE A 70 1.79 -8.89 24.20
N GLU A 71 1.15 -9.43 23.16
CA GLU A 71 0.82 -10.85 23.12
C GLU A 71 2.07 -11.74 23.16
N GLN A 72 3.10 -11.36 22.40
CA GLN A 72 4.35 -12.11 22.36
C GLN A 72 5.01 -12.11 23.74
N LYS A 73 5.02 -10.95 24.40
CA LYS A 73 5.54 -10.85 25.77
C LYS A 73 4.80 -11.76 26.76
N SER A 74 3.48 -11.87 26.60
CA SER A 74 2.65 -12.74 27.45
C SER A 74 3.01 -14.23 27.32
N ASN A 75 3.57 -14.61 26.18
CA ASN A 75 3.94 -16.00 25.92
C ASN A 75 5.42 -16.33 26.19
N GLU A 76 6.15 -15.41 26.84
CA GLU A 76 7.52 -15.65 27.31
C GLU A 76 7.51 -16.35 28.67
N GLU A 77 8.60 -17.07 28.96
CA GLU A 77 8.80 -17.73 30.25
C GLU A 77 8.77 -16.69 31.38
N GLY A 78 8.00 -16.99 32.43
CA GLY A 78 7.90 -16.14 33.62
C GLY A 78 6.71 -15.20 33.59
N SER A 79 6.10 -15.01 32.41
CA SER A 79 4.98 -14.10 32.24
C SER A 79 3.73 -14.69 32.88
N GLU A 80 3.07 -13.90 33.72
CA GLU A 80 1.86 -14.34 34.43
C GLU A 80 0.72 -14.48 33.42
N GLU A 81 -0.08 -15.55 33.56
CA GLU A 81 -1.25 -15.80 32.73
C GLU A 81 -2.31 -14.74 33.01
N LYS A 82 -2.80 -14.10 31.95
CA LYS A 82 -3.79 -13.01 32.08
C LYS A 82 -5.09 -13.27 31.37
N GLY A 83 -5.24 -14.50 30.86
CA GLY A 83 -6.44 -14.92 30.17
C GLY A 83 -6.42 -14.62 28.68
N PRO A 84 -7.58 -14.78 28.01
CA PRO A 84 -7.65 -14.70 26.55
C PRO A 84 -7.75 -13.27 25.97
N GLU A 85 -7.81 -12.26 26.82
CA GLU A 85 -8.16 -10.93 26.38
C GLU A 85 -7.19 -10.30 25.38
N VAL A 86 -5.89 -10.49 25.59
CA VAL A 86 -4.92 -9.91 24.67
C VAL A 86 -5.08 -10.53 23.28
N ARG A 87 -5.16 -11.87 23.22
CA ARG A 87 -5.34 -12.57 21.93
C ARG A 87 -6.67 -12.10 21.31
N GLU A 88 -7.74 -12.05 22.10
CA GLU A 88 -9.04 -11.68 21.57
C GLU A 88 -8.99 -10.31 20.92
N TYR A 89 -8.39 -9.34 21.60
CA TYR A 89 -8.42 -7.95 21.12
C TYR A 89 -7.48 -7.83 19.90
N ARG A 90 -6.33 -8.50 19.92
CA ARG A 90 -5.45 -8.53 18.73
C ARG A 90 -6.23 -9.13 17.55
N GLU A 91 -6.97 -10.21 17.79
CA GLU A 91 -7.82 -10.83 16.76
C GLU A 91 -8.87 -9.86 16.23
N LYS A 92 -9.47 -9.08 17.12
CA LYS A 92 -10.49 -8.10 16.73
C LYS A 92 -9.87 -7.07 15.77
N VAL A 93 -8.73 -6.51 16.14
CA VAL A 93 -8.07 -5.51 15.30
C VAL A 93 -7.65 -6.17 13.99
N GLU A 94 -7.09 -7.38 14.06
CA GLU A 94 -6.67 -8.12 12.90
C GLU A 94 -7.82 -8.34 11.91
N THR A 95 -8.99 -8.72 12.43
CA THR A 95 -10.14 -8.99 11.59
C THR A 95 -10.60 -7.71 10.89
N GLU A 96 -10.57 -6.59 11.62
CA GLU A 96 -10.97 -5.32 11.03
C GLU A 96 -9.98 -4.92 9.92
N LEU A 97 -8.68 -5.11 10.17
CA LEU A 97 -7.65 -4.86 9.19
C LEU A 97 -7.85 -5.70 7.92
N GLN A 98 -8.09 -6.99 8.10
CA GLN A 98 -8.31 -7.88 6.98
C GLN A 98 -9.54 -7.45 6.20
N GLY A 99 -10.59 -7.00 6.91
CA GLY A 99 -11.79 -6.47 6.26
C GLY A 99 -11.52 -5.29 5.34
N VAL A 100 -10.70 -4.35 5.82
CA VAL A 100 -10.34 -3.17 5.02
C VAL A 100 -9.52 -3.61 3.79
N CYS A 101 -8.56 -4.52 3.99
CA CYS A 101 -7.77 -5.00 2.88
C CYS A 101 -8.66 -5.70 1.84
N ASP A 102 -9.60 -6.52 2.32
CA ASP A 102 -10.51 -7.21 1.41
C ASP A 102 -11.40 -6.22 0.66
N THR A 103 -11.81 -5.15 1.33
CA THR A 103 -12.58 -4.09 0.67
C THR A 103 -11.80 -3.45 -0.47
N VAL A 104 -10.56 -3.08 -0.20
CA VAL A 104 -9.74 -2.46 -1.23
C VAL A 104 -9.50 -3.41 -2.40
N LEU A 105 -9.09 -4.65 -2.08
CA LEU A 105 -8.85 -5.66 -3.11
C LEU A 105 -10.12 -5.89 -3.93
N GLY A 106 -11.27 -5.85 -3.26
CA GLY A 106 -12.54 -5.99 -3.95
C GLY A 106 -12.80 -4.88 -4.96
N LEU A 107 -12.51 -3.64 -4.58
CA LEU A 107 -12.65 -2.51 -5.51
C LEU A 107 -11.73 -2.67 -6.72
N LEU A 108 -10.49 -3.10 -6.45
CA LEU A 108 -9.53 -3.30 -7.53
C LEU A 108 -10.01 -4.39 -8.49
N ASP A 109 -10.59 -5.46 -7.95
CA ASP A 109 -11.04 -6.58 -8.77
C ASP A 109 -12.38 -6.32 -9.43
N SER A 110 -13.17 -5.39 -8.88
CA SER A 110 -14.54 -5.12 -9.35
C SER A 110 -14.79 -3.61 -9.41
N HIS A 111 -14.28 -2.90 -10.44
CA HIS A 111 -13.63 -3.43 -11.62
C HIS A 111 -12.47 -2.53 -12.08
N LEU A 112 -11.73 -1.95 -11.13
CA LEU A 112 -10.77 -0.92 -11.47
C LEU A 112 -9.63 -1.43 -12.34
N ILE A 113 -9.03 -2.57 -12.00
CA ILE A 113 -7.88 -3.06 -12.75
C ILE A 113 -8.27 -3.40 -14.19
N LYS A 114 -9.38 -4.11 -14.37
CA LYS A 114 -9.71 -4.61 -15.70
C LYS A 114 -9.99 -3.48 -16.70
N GLU A 115 -10.42 -2.32 -16.20
CA GLU A 115 -10.68 -1.18 -17.07
C GLU A 115 -9.46 -0.23 -17.26
N ALA A 116 -8.36 -0.49 -16.51
CA ALA A 116 -7.19 0.37 -16.49
C ALA A 116 -6.25 -0.05 -17.61
N GLY A 117 -6.19 0.77 -18.68
CA GLY A 117 -5.36 0.48 -19.84
C GLY A 117 -4.07 1.29 -19.96
N ASP A 118 -4.07 2.51 -19.43
CA ASP A 118 -2.90 3.34 -19.47
C ASP A 118 -1.93 2.88 -18.40
N ALA A 119 -0.64 3.04 -18.67
CA ALA A 119 0.36 2.58 -17.72
C ALA A 119 0.20 3.23 -16.35
N GLU A 120 -0.08 4.52 -16.32
CA GLU A 120 -0.13 5.24 -15.05
C GLU A 120 -1.23 4.70 -14.15
N SER A 121 -2.37 4.33 -14.74
CA SER A 121 -3.48 3.80 -13.95
C SER A 121 -3.24 2.36 -13.58
N ARG A 122 -2.84 1.56 -14.57
CA ARG A 122 -2.69 0.10 -14.36
C ARG A 122 -1.58 -0.20 -13.36
N VAL A 123 -0.43 0.45 -13.51
CA VAL A 123 0.67 0.27 -12.55
C VAL A 123 0.25 0.68 -11.15
N PHE A 124 -0.43 1.83 -11.04
CA PHE A 124 -0.87 2.33 -9.75
C PHE A 124 -1.78 1.32 -9.04
N TYR A 125 -2.77 0.79 -9.77
CA TYR A 125 -3.72 -0.19 -9.19
C TYR A 125 -3.04 -1.52 -8.86
N LEU A 126 -2.14 -1.98 -9.71
CA LEU A 126 -1.45 -3.21 -9.42
C LEU A 126 -0.51 -3.07 -8.21
N LYS A 127 0.12 -1.89 -8.06
CA LYS A 127 0.87 -1.61 -6.86
C LYS A 127 -0.01 -1.67 -5.61
N MET A 128 -1.21 -1.06 -5.69
CA MET A 128 -2.14 -1.13 -4.58
C MET A 128 -2.52 -2.60 -4.26
N LYS A 129 -2.73 -3.40 -5.30
CA LYS A 129 -3.08 -4.81 -5.08
C LYS A 129 -1.94 -5.50 -4.32
N GLY A 130 -0.70 -5.27 -4.75
CA GLY A 130 0.49 -5.76 -4.03
C GLY A 130 0.56 -5.32 -2.59
N ASP A 131 0.31 -4.02 -2.38
CA ASP A 131 0.34 -3.43 -1.05
C ASP A 131 -0.66 -4.09 -0.10
N TYR A 132 -1.91 -4.26 -0.54
CA TYR A 132 -2.99 -4.77 0.37
C TYR A 132 -2.82 -6.28 0.57
N TYR A 133 -2.32 -7.02 -0.41
CA TYR A 133 -1.90 -8.42 -0.16
C TYR A 133 -0.71 -8.44 0.82
N ARG A 134 0.21 -7.49 0.70
CA ARG A 134 1.34 -7.44 1.65
C ARG A 134 0.80 -7.21 3.07
N TYR A 135 -0.18 -6.33 3.26
CA TYR A 135 -0.74 -6.09 4.61
C TYR A 135 -1.43 -7.37 5.11
N LEU A 136 -2.14 -8.08 4.23
CA LEU A 136 -2.68 -9.37 4.63
C LEU A 136 -1.59 -10.36 5.04
N ALA A 137 -0.47 -10.33 4.32
CA ALA A 137 0.64 -11.24 4.60
C ALA A 137 1.26 -10.95 5.95
N GLU A 138 1.27 -9.67 6.35
CA GLU A 138 1.89 -9.29 7.61
C GLU A 138 1.22 -10.00 8.79
N VAL A 139 -0.08 -10.25 8.69
CA VAL A 139 -0.84 -10.85 9.79
C VAL A 139 -1.19 -12.32 9.58
N ALA A 140 -0.80 -12.87 8.42
CA ALA A 140 -1.14 -14.24 8.06
C ALA A 140 -0.24 -15.22 8.80
N THR A 141 -0.84 -16.29 9.30
CA THR A 141 -0.14 -17.36 10.01
C THR A 141 -0.62 -18.77 9.63
N GLY A 142 -1.56 -18.88 8.68
CA GLY A 142 -2.22 -20.15 8.36
C GLY A 142 -1.92 -20.81 7.00
N ASP A 143 -2.82 -21.74 6.60
CA ASP A 143 -2.75 -22.60 5.38
C ASP A 143 -2.46 -21.76 4.10
N ASP A 144 -3.00 -20.54 4.08
CA ASP A 144 -3.01 -19.68 2.90
C ASP A 144 -1.91 -18.63 2.85
N LYS A 145 -1.04 -18.59 3.88
CA LYS A 145 0.00 -17.58 3.96
C LYS A 145 0.88 -17.55 2.71
N LYS A 146 1.30 -18.72 2.22
CA LYS A 146 2.11 -18.75 1.01
C LYS A 146 1.36 -18.19 -0.19
N ARG A 147 0.08 -18.49 -0.32
CA ARG A 147 -0.73 -18.01 -1.47
C ARG A 147 -0.88 -16.49 -1.33
N ILE A 148 -1.06 -15.98 -0.11
CA ILE A 148 -1.23 -14.54 0.07
C ILE A 148 0.06 -13.81 -0.35
N ILE A 149 1.21 -14.34 0.12
CA ILE A 149 2.50 -13.80 -0.27
C ILE A 149 2.67 -13.83 -1.78
N ASP A 150 2.29 -14.95 -2.40
CA ASP A 150 2.43 -15.04 -3.85
C ASP A 150 1.52 -14.07 -4.60
N SER A 151 0.31 -13.83 -4.07
CA SER A 151 -0.59 -12.85 -4.66
C SER A 151 0.03 -11.45 -4.63
N ALA A 152 0.66 -11.09 -3.52
CA ALA A 152 1.35 -9.80 -3.45
C ALA A 152 2.47 -9.73 -4.47
N ARG A 153 3.30 -10.76 -4.49
CA ARG A 153 4.44 -10.85 -5.42
C ARG A 153 3.96 -10.71 -6.87
N SER A 154 2.92 -11.46 -7.23
CA SER A 154 2.44 -11.47 -8.60
C SER A 154 1.96 -10.10 -9.03
N ALA A 155 1.23 -9.40 -8.16
CA ALA A 155 0.71 -8.08 -8.49
C ALA A 155 1.85 -7.08 -8.67
N TYR A 156 2.77 -7.08 -7.72
CA TYR A 156 3.97 -6.22 -7.81
C TYR A 156 4.74 -6.53 -9.08
N GLN A 157 4.92 -7.81 -9.41
CA GLN A 157 5.69 -8.16 -10.60
C GLN A 157 5.06 -7.68 -11.89
N GLU A 158 3.72 -7.84 -12.01
CA GLU A 158 3.06 -7.34 -13.19
C GLU A 158 3.21 -5.83 -13.30
N ALA A 159 3.09 -5.13 -12.17
CA ALA A 159 3.26 -3.68 -12.14
C ALA A 159 4.69 -3.28 -12.54
N MET A 160 5.66 -4.04 -12.07
CA MET A 160 7.06 -3.74 -12.38
C MET A 160 7.31 -3.95 -13.86
N ASP A 161 6.75 -5.03 -14.42
CA ASP A 161 7.00 -5.31 -15.83
C ASP A 161 6.45 -4.17 -16.71
N ILE A 162 5.23 -3.71 -16.43
CA ILE A 162 4.65 -2.60 -17.19
C ILE A 162 5.44 -1.31 -16.98
N SER A 163 5.79 -1.04 -15.72
CA SER A 163 6.49 0.22 -15.41
C SER A 163 7.84 0.31 -16.14
N LYS A 164 8.55 -0.81 -16.25
CA LYS A 164 9.85 -0.79 -16.89
C LYS A 164 9.74 -0.57 -18.39
N LYS A 165 8.64 -1.08 -18.99
CA LYS A 165 8.40 -0.96 -20.41
C LYS A 165 7.87 0.44 -20.77
N GLU A 166 7.01 0.99 -19.91
CA GLU A 166 6.16 2.14 -20.27
C GLU A 166 6.45 3.48 -19.60
N MET A 167 7.28 3.49 -18.56
CA MET A 167 7.52 4.68 -17.78
C MET A 167 9.02 4.98 -17.69
N PRO A 168 9.40 6.26 -17.60
CA PRO A 168 10.80 6.60 -17.37
C PRO A 168 11.21 6.20 -15.96
N PRO A 169 12.53 6.00 -15.72
CA PRO A 169 13.00 5.53 -14.43
C PRO A 169 12.76 6.53 -13.28
N THR A 170 12.49 7.79 -13.60
CA THR A 170 12.16 8.80 -12.58
C THR A 170 10.68 8.97 -12.28
N ASN A 171 9.82 8.23 -13.00
CA ASN A 171 8.38 8.40 -12.79
C ASN A 171 8.04 8.06 -11.34
N PRO A 172 7.36 8.95 -10.58
CA PRO A 172 7.07 8.70 -9.17
C PRO A 172 6.29 7.40 -8.91
N ILE A 173 5.40 7.00 -9.82
CA ILE A 173 4.69 5.74 -9.63
C ILE A 173 5.62 4.56 -9.75
N ARG A 174 6.50 4.60 -10.76
CA ARG A 174 7.54 3.56 -10.91
C ARG A 174 8.43 3.54 -9.66
N LEU A 175 8.83 4.72 -9.18
CA LEU A 175 9.70 4.75 -8.02
C LEU A 175 9.04 4.22 -6.76
N GLY A 176 7.78 4.62 -6.53
CA GLY A 176 7.06 4.18 -5.35
C GLY A 176 6.74 2.70 -5.37
N LEU A 177 6.45 2.17 -6.56
CA LEU A 177 6.26 0.73 -6.74
C LEU A 177 7.52 -0.03 -6.35
N ALA A 178 8.68 0.44 -6.82
CA ALA A 178 9.96 -0.24 -6.57
C ALA A 178 10.30 -0.17 -5.09
N LEU A 179 10.06 1.00 -4.49
CA LEU A 179 10.25 1.18 -3.06
C LEU A 179 9.49 0.11 -2.27
N ASN A 180 8.19 0.00 -2.59
CA ASN A 180 7.31 -0.91 -1.85
C ASN A 180 7.59 -2.38 -2.15
N PHE A 181 7.91 -2.72 -3.40
CA PHE A 181 8.29 -4.09 -3.75
C PHE A 181 9.58 -4.49 -3.04
N SER A 182 10.52 -3.55 -2.93
CA SER A 182 11.75 -3.78 -2.21
C SER A 182 11.45 -4.10 -0.74
N VAL A 183 10.58 -3.32 -0.12
CA VAL A 183 10.16 -3.60 1.26
C VAL A 183 9.45 -4.99 1.33
N PHE A 184 8.58 -5.35 0.37
CA PHE A 184 8.04 -6.69 0.29
C PHE A 184 9.13 -7.76 0.35
N HIS A 185 10.19 -7.58 -0.46
CA HIS A 185 11.25 -8.56 -0.48
C HIS A 185 11.90 -8.68 0.90
N TYR A 186 12.17 -7.53 1.54
CA TYR A 186 12.90 -7.51 2.83
C TYR A 186 12.07 -8.06 3.97
N GLU A 187 10.81 -7.61 4.08
CA GLU A 187 9.98 -7.86 5.25
C GLU A 187 9.06 -9.07 5.14
N ILE A 188 8.66 -9.42 3.92
CA ILE A 188 7.67 -10.48 3.68
C ILE A 188 8.30 -11.74 3.07
N ALA A 189 9.16 -11.57 2.06
CA ALA A 189 9.67 -12.69 1.28
C ALA A 189 11.01 -13.24 1.80
N ASN A 190 11.51 -12.67 2.90
CA ASN A 190 12.78 -13.14 3.49
C ASN A 190 13.90 -13.08 2.46
N SER A 191 13.94 -11.98 1.69
CA SER A 191 14.85 -11.83 0.57
C SER A 191 15.56 -10.48 0.68
N PRO A 192 16.37 -10.24 1.73
CA PRO A 192 16.98 -8.93 1.92
C PRO A 192 17.94 -8.57 0.77
N GLU A 193 18.64 -9.55 0.18
CA GLU A 193 19.53 -9.23 -0.95
C GLU A 193 18.76 -8.70 -2.14
N GLU A 194 17.59 -9.27 -2.41
CA GLU A 194 16.78 -8.81 -3.52
C GLU A 194 16.26 -7.40 -3.22
N ALA A 195 15.85 -7.17 -1.98
CA ALA A 195 15.38 -5.85 -1.55
C ALA A 195 16.41 -4.75 -1.78
N ILE A 196 17.65 -5.05 -1.37
CA ILE A 196 18.76 -4.12 -1.50
C ILE A 196 19.14 -3.90 -2.96
N SER A 197 19.22 -4.98 -3.74
CA SER A 197 19.50 -4.86 -5.18
C SER A 197 18.48 -4.00 -5.88
N LEU A 198 17.18 -4.26 -5.62
CA LEU A 198 16.13 -3.49 -6.25
C LEU A 198 16.22 -2.01 -5.88
N ALA A 199 16.36 -1.72 -4.58
CA ALA A 199 16.43 -0.31 -4.16
C ALA A 199 17.62 0.42 -4.78
N LYS A 200 18.76 -0.27 -4.86
CA LYS A 200 19.99 0.36 -5.39
C LYS A 200 19.87 0.59 -6.89
N THR A 201 19.38 -0.42 -7.62
CA THR A 201 19.27 -0.28 -9.07
C THR A 201 18.22 0.77 -9.44
N THR A 202 17.12 0.80 -8.68
CA THR A 202 16.09 1.82 -8.91
C THR A 202 16.66 3.23 -8.69
N PHE A 203 17.36 3.42 -7.58
CA PHE A 203 17.97 4.72 -7.25
C PHE A 203 18.92 5.16 -8.35
N ASP A 204 19.80 4.25 -8.78
CA ASP A 204 20.84 4.58 -9.71
C ASP A 204 20.27 4.90 -11.10
N GLU A 205 19.26 4.17 -11.52
CA GLU A 205 18.67 4.42 -12.83
C GLU A 205 17.88 5.72 -12.83
N ALA A 206 17.25 6.03 -11.70
CA ALA A 206 16.59 7.30 -11.56
C ALA A 206 17.58 8.47 -11.60
N MET A 207 18.69 8.34 -10.86
CA MET A 207 19.72 9.38 -10.82
C MET A 207 20.12 9.79 -12.22
N ALA A 208 20.37 8.79 -13.06
CA ALA A 208 20.79 8.98 -14.44
C ALA A 208 19.79 9.66 -15.35
N ASP A 209 18.52 9.69 -14.94
CA ASP A 209 17.45 10.29 -15.75
C ASP A 209 16.97 11.67 -15.23
N LEU A 210 17.47 12.10 -14.08
CA LEU A 210 17.07 13.38 -13.51
C LEU A 210 17.31 14.55 -14.45
N HIS A 211 18.37 14.47 -15.28
CA HIS A 211 18.74 15.57 -16.16
C HIS A 211 17.68 15.98 -17.16
N THR A 212 16.70 15.07 -17.38
CA THR A 212 15.62 15.24 -18.37
C THR A 212 14.44 16.03 -17.81
N LEU A 213 14.45 16.29 -16.49
CA LEU A 213 13.27 16.74 -15.76
C LEU A 213 13.25 18.24 -15.52
N SER A 214 12.05 18.81 -15.45
CA SER A 214 11.85 20.13 -14.91
C SER A 214 12.18 20.18 -13.42
N GLU A 215 12.27 21.41 -12.88
CA GLU A 215 12.50 21.61 -11.46
C GLU A 215 11.42 20.91 -10.61
N ASP A 216 10.16 21.05 -10.99
CA ASP A 216 9.08 20.47 -10.21
C ASP A 216 9.09 18.94 -10.27
N SER A 217 9.36 18.36 -11.45
CA SER A 217 9.46 16.90 -11.56
C SER A 217 10.65 16.35 -10.78
N TYR A 218 11.76 17.08 -10.84
CA TYR A 218 12.99 16.76 -10.08
C TYR A 218 12.68 16.64 -8.58
N LYS A 219 11.94 17.63 -8.06
CA LYS A 219 11.57 17.62 -6.64
C LYS A 219 10.75 16.36 -6.33
N ASP A 220 9.78 16.04 -7.18
CA ASP A 220 8.94 14.89 -6.99
C ASP A 220 9.75 13.60 -6.97
N SER A 221 10.62 13.44 -7.97
CA SER A 221 11.39 12.21 -8.09
C SER A 221 12.39 12.03 -6.96
N THR A 222 13.11 13.12 -6.63
CA THR A 222 14.15 13.05 -5.63
C THR A 222 13.60 12.78 -4.23
N LEU A 223 12.37 13.19 -3.96
CA LEU A 223 11.77 12.87 -2.67
C LEU A 223 11.68 11.35 -2.48
N ILE A 224 11.21 10.65 -3.52
CA ILE A 224 11.05 9.20 -3.39
C ILE A 224 12.40 8.52 -3.46
N MET A 225 13.34 9.06 -4.25
CA MET A 225 14.71 8.54 -4.26
C MET A 225 15.34 8.58 -2.87
N GLN A 226 15.03 9.63 -2.10
CA GLN A 226 15.53 9.71 -0.75
C GLN A 226 14.99 8.62 0.15
N LEU A 227 13.73 8.22 -0.07
CA LEU A 227 13.13 7.09 0.66
C LEU A 227 13.87 5.78 0.34
N LEU A 228 14.22 5.59 -0.93
CA LEU A 228 15.02 4.44 -1.31
C LEU A 228 16.36 4.44 -0.56
N ARG A 229 17.03 5.59 -0.55
CA ARG A 229 18.34 5.75 0.15
C ARG A 229 18.13 5.49 1.64
N ASP A 230 17.05 6.00 2.24
CA ASP A 230 16.81 5.81 3.67
C ASP A 230 16.72 4.30 3.98
N ASN A 231 15.97 3.56 3.16
CA ASN A 231 15.87 2.11 3.37
C ASN A 231 17.21 1.43 3.21
N LEU A 232 17.96 1.82 2.17
CA LEU A 232 19.29 1.25 1.98
C LEU A 232 20.18 1.48 3.18
N THR A 233 20.10 2.69 3.74
CA THR A 233 20.86 3.01 4.94
C THR A 233 20.46 2.15 6.14
N LEU A 234 19.16 1.90 6.28
CA LEU A 234 18.65 1.04 7.33
C LEU A 234 19.17 -0.40 7.19
N TRP A 235 19.28 -0.87 5.94
CA TRP A 235 19.55 -2.27 5.63
C TRP A 235 21.00 -2.65 5.42
N THR A 236 21.89 -1.65 5.35
CA THR A 236 23.31 -1.89 5.09
C THR A 236 24.18 -1.24 6.14
N PHE B 1 10.52 0.85 11.24
CA PHE B 1 10.00 0.18 10.01
C PHE B 1 10.49 0.92 8.77
N PRO B 2 10.57 0.25 7.61
CA PRO B 2 11.06 0.91 6.40
C PRO B 2 10.00 1.77 5.70
N ALA B 3 10.46 2.68 4.85
CA ALA B 3 9.60 3.60 4.15
C ALA B 3 8.87 2.91 3.01
N TPO B 4 7.57 3.16 2.95
CA TPO B 4 6.71 2.83 1.79
CB TPO B 4 5.89 1.57 2.07
CG2 TPO B 4 6.78 0.37 2.28
OG1 TPO B 4 5.13 1.82 3.31
P TPO B 4 3.95 0.87 3.82
O1P TPO B 4 3.21 1.75 4.79
O2P TPO B 4 4.55 -0.36 4.45
O3P TPO B 4 3.11 0.48 2.62
C TPO B 4 5.80 4.02 1.48
O TPO B 4 5.60 4.85 2.35
N VAL B 5 5.29 4.06 0.25
CA VAL B 5 4.40 5.13 -0.16
C VAL B 5 3.10 4.63 -0.71
MG MG C . 14.60 -7.83 -11.47
MG MG D . -25.02 11.32 -11.20
MG MG E . -7.00 -14.11 12.79
O1 NKL F . -0.69 8.85 -10.20
C1 NKL F . -1.04 9.86 -9.61
C2 NKL F . -2.01 10.87 -10.21
N1 NKL F . -0.59 10.12 -8.37
C3 NKL F . 0.27 9.19 -7.65
C4 NKL F . 1.62 9.79 -7.58
C5 NKL F . 1.53 11.15 -6.89
C6 NKL F . 0.52 12.09 -7.54
C7 NKL F . -0.80 11.39 -7.65
C8 NKL F . 1.44 11.08 -5.35
N2 NKL F . 2.89 11.37 -5.38
C9 NKL F . 3.91 11.31 -4.53
O2 NKL F . 5.01 11.68 -4.95
C10 NKL F . 3.75 10.86 -3.07
N3 NKL F . 2.91 9.64 -2.98
C11 NKL F . 3.03 8.55 -3.82
C12 NKL F . 4.11 8.34 -4.72
C13 NKL F . 4.12 7.21 -5.53
C14 NKL F . 3.08 6.32 -5.46
CL2 NKL F . 3.09 4.93 -6.50
C15 NKL F . 2.01 6.48 -4.59
C16 NKL F . 1.99 7.61 -3.77
C17 NKL F . 5.15 10.61 -2.47
C18 NKL F . 5.02 10.35 -0.99
O3 NKL F . 4.38 11.45 -0.34
C19 NKL F . 3.05 11.68 -0.83
C20 NKL F . 3.07 12.00 -2.30
C21 NKL F . 2.92 11.79 -6.78
#